data_3T8H
#
_entry.id   3T8H
#
_cell.length_a   92.800
_cell.length_b   92.800
_cell.length_c   130.100
_cell.angle_alpha   90.00
_cell.angle_beta   90.00
_cell.angle_gamma   120.00
#
_symmetry.space_group_name_H-M   'P 61 2 2'
#
loop_
_entity.id
_entity.type
_entity.pdbx_description
1 polymer Thermolysin
2 non-polymer N-[(S)-({[(benzyloxy)carbonyl]amino}methyl)(hydroxy)phosphoryl]-L-leucyl-L-valine
3 non-polymer 'DIMETHYL SULFOXIDE'
4 non-polymer GLYCEROL
5 non-polymer 'ZINC ION'
6 non-polymer 'CALCIUM ION'
7 water water
#
_entity_poly.entity_id   1
_entity_poly.type   'polypeptide(L)'
_entity_poly.pdbx_seq_one_letter_code
;ITGTSTVGVGRGVLGDQKNINTTYSTYYYLQDNTRGNGIFTYDAKYRTTLPGSLWADADNQFFASYDAPAVDAHYYAGVT
YDYYKNVHNRLSYDGNNAAIRSSVHYSQGYNNAFWNGSQMVYGDGDGQTFIPLSGGIDVVAHELTHAVTDYTAGLIYQNE
SGAINEAISDIFGTLVEFYANKNPDWEIGEDVYTPGISGDSLRSMSDPAKYGDPDHYSKRYTGTQDNGGVHINSGIINKA
AYLISQGGTHYGVSVVGIGRDKLGKIFYRALTQYLTPTSNFSQLRAAAVQSATDLYGSTSQEVASVKQAFDAVGVK
;
_entity_poly.pdbx_strand_id   A
#
loop_
_chem_comp.id
_chem_comp.type
_chem_comp.name
_chem_comp.formula
CA non-polymer 'CALCIUM ION' 'Ca 2'
DMS non-polymer 'DIMETHYL SULFOXIDE' 'C2 H6 O S'
GOL non-polymer GLYCEROL 'C3 H8 O3'
UBS peptide-like N-[(S)-({[(benzyloxy)carbonyl]amino}methyl)(hydroxy)phosphoryl]-L-leucyl-L-valine 'C20 H32 N3 O7 P'
ZN non-polymer 'ZINC ION' 'Zn 2'
#
# COMPACT_ATOMS: atom_id res chain seq x y z
N ILE A 1 -8.40 -12.05 21.38
CA ILE A 1 -8.70 -12.93 22.50
C ILE A 1 -7.62 -12.88 23.58
N THR A 2 -7.96 -13.36 24.77
CA THR A 2 -7.01 -13.43 25.86
C THR A 2 -6.20 -14.73 25.77
N GLY A 3 -4.88 -14.61 25.74
CA GLY A 3 -4.04 -15.77 25.68
C GLY A 3 -2.59 -15.41 25.84
N THR A 4 -1.70 -16.30 25.45
CA THR A 4 -0.28 -16.01 25.57
C THR A 4 0.34 -15.90 24.18
N SER A 5 1.28 -14.97 24.03
CA SER A 5 1.92 -14.73 22.75
C SER A 5 2.81 -15.89 22.35
N THR A 6 2.67 -16.32 21.11
CA THR A 6 3.40 -17.46 20.60
C THR A 6 3.96 -17.15 19.21
N VAL A 7 4.78 -18.04 18.68
CA VAL A 7 5.35 -17.84 17.35
C VAL A 7 5.12 -19.07 16.50
N GLY A 8 4.30 -18.92 15.47
CA GLY A 8 4.02 -20.01 14.55
C GLY A 8 4.89 -19.91 13.31
N VAL A 9 4.78 -20.89 12.42
CA VAL A 9 5.54 -20.89 11.20
CA VAL A 9 5.56 -20.92 11.20
C VAL A 9 4.66 -21.40 10.07
N GLY A 10 4.88 -20.88 8.87
CA GLY A 10 4.09 -21.30 7.72
C GLY A 10 4.69 -20.85 6.41
N ARG A 11 3.90 -21.01 5.36
CA ARG A 11 4.32 -20.58 4.03
CA ARG A 11 4.29 -20.64 4.01
C ARG A 11 3.32 -19.61 3.44
N GLY A 12 3.85 -18.59 2.78
CA GLY A 12 3.03 -17.58 2.14
C GLY A 12 2.59 -18.00 0.75
N VAL A 13 1.88 -17.09 0.08
CA VAL A 13 1.31 -17.33 -1.25
C VAL A 13 2.36 -17.73 -2.30
N LEU A 14 3.56 -17.16 -2.18
CA LEU A 14 4.63 -17.44 -3.14
C LEU A 14 5.51 -18.63 -2.73
N GLY A 15 5.15 -19.31 -1.65
CA GLY A 15 5.85 -20.52 -1.25
C GLY A 15 7.02 -20.29 -0.31
N ASP A 16 7.15 -19.08 0.20
CA ASP A 16 8.24 -18.74 1.11
C ASP A 16 7.86 -18.99 2.58
N GLN A 17 8.79 -19.55 3.35
CA GLN A 17 8.53 -19.83 4.75
C GLN A 17 8.78 -18.59 5.60
N LYS A 18 7.90 -18.35 6.56
CA LYS A 18 8.09 -17.24 7.47
C LYS A 18 7.48 -17.52 8.85
N ASN A 19 8.02 -16.87 9.86
CA ASN A 19 7.47 -16.96 11.22
C ASN A 19 6.39 -15.91 11.37
N ILE A 20 5.34 -16.25 12.12
CA ILE A 20 4.25 -15.32 12.38
CA ILE A 20 4.29 -15.29 12.40
C ILE A 20 3.92 -15.26 13.87
N ASN A 21 3.55 -14.09 14.35
CA ASN A 21 3.16 -13.91 15.74
C ASN A 21 1.73 -14.35 15.94
N THR A 22 1.52 -15.30 16.85
CA THR A 22 0.20 -15.84 17.10
C THR A 22 -0.15 -15.73 18.60
N THR A 23 -1.36 -16.14 18.96
CA THR A 23 -1.80 -16.13 20.35
C THR A 23 -2.41 -17.49 20.68
N TYR A 24 -1.99 -18.11 21.77
CA TYR A 24 -2.51 -19.40 22.16
C TYR A 24 -3.55 -19.33 23.27
N SER A 25 -4.72 -19.91 22.98
CA SER A 25 -5.75 -20.18 23.98
C SER A 25 -6.65 -21.24 23.37
N THR A 26 -6.39 -22.49 23.75
CA THR A 26 -6.98 -23.69 23.15
C THR A 26 -6.53 -23.88 21.69
N TYR A 27 -6.79 -22.88 20.85
CA TYR A 27 -6.25 -22.84 19.49
C TYR A 27 -5.14 -21.79 19.40
N TYR A 28 -4.39 -21.83 18.30
CA TYR A 28 -3.43 -20.78 17.97
C TYR A 28 -4.11 -19.84 16.98
N TYR A 29 -4.23 -18.58 17.37
CA TYR A 29 -4.93 -17.59 16.56
C TYR A 29 -3.96 -16.66 15.85
N LEU A 30 -4.34 -16.18 14.67
CA LEU A 30 -3.57 -15.15 13.99
C LEU A 30 -3.86 -13.81 14.67
N GLN A 31 -3.20 -13.63 15.80
CA GLN A 31 -3.29 -12.44 16.62
C GLN A 31 -1.89 -12.15 17.12
N ASP A 32 -1.33 -11.06 16.60
CA ASP A 32 0.03 -10.62 16.89
C ASP A 32 -0.03 -9.55 17.97
N ASN A 33 0.43 -9.89 19.19
CA ASN A 33 0.36 -8.97 20.32
C ASN A 33 1.59 -8.09 20.44
N THR A 34 2.55 -8.27 19.54
CA THR A 34 3.84 -7.59 19.66
C THR A 34 3.81 -6.19 19.07
N ARG A 35 2.73 -5.87 18.38
CA ARG A 35 2.63 -4.59 17.67
C ARG A 35 1.37 -3.85 18.08
N GLY A 36 1.55 -2.71 18.73
CA GLY A 36 0.42 -1.89 19.12
C GLY A 36 -0.62 -2.63 19.94
N ASN A 37 -1.89 -2.43 19.57
CA ASN A 37 -2.97 -3.14 20.22
C ASN A 37 -3.41 -4.36 19.44
N GLY A 38 -2.48 -4.85 18.63
CA GLY A 38 -2.64 -6.13 17.96
C GLY A 38 -2.86 -6.06 16.46
N ILE A 39 -2.45 -7.13 15.78
CA ILE A 39 -2.78 -7.37 14.39
C ILE A 39 -3.56 -8.67 14.36
N PHE A 40 -4.74 -8.62 13.74
CA PHE A 40 -5.70 -9.72 13.80
C PHE A 40 -6.07 -10.10 12.37
N THR A 41 -5.97 -11.38 12.04
CA THR A 41 -6.30 -11.86 10.70
C THR A 41 -7.44 -12.86 10.75
N TYR A 42 -8.41 -12.68 9.84
CA TYR A 42 -9.68 -13.40 9.85
C TYR A 42 -9.90 -14.20 8.57
N ASP A 43 -10.72 -15.24 8.68
CA ASP A 43 -11.12 -16.06 7.55
C ASP A 43 -12.54 -15.67 7.11
N ALA A 44 -12.68 -15.14 5.89
CA ALA A 44 -14.00 -14.82 5.34
C ALA A 44 -14.67 -16.03 4.67
N LYS A 45 -13.94 -17.15 4.52
CA LYS A 45 -14.52 -18.43 4.11
C LYS A 45 -15.26 -18.41 2.76
N TYR A 46 -14.73 -17.62 1.83
CA TYR A 46 -15.28 -17.47 0.48
C TYR A 46 -16.59 -16.68 0.43
N ARG A 47 -16.99 -16.14 1.57
CA ARG A 47 -18.21 -15.34 1.63
C ARG A 47 -17.89 -13.86 1.80
N THR A 48 -18.93 -13.03 1.92
CA THR A 48 -18.72 -11.58 1.92
C THR A 48 -19.15 -10.92 3.23
N THR A 49 -19.49 -11.72 4.23
CA THR A 49 -19.76 -11.17 5.55
CA THR A 49 -19.75 -11.21 5.57
C THR A 49 -18.42 -10.92 6.26
N LEU A 50 -18.27 -9.73 6.83
CA LEU A 50 -17.01 -9.30 7.42
C LEU A 50 -17.14 -8.99 8.90
N PRO A 51 -16.08 -9.26 9.69
CA PRO A 51 -14.77 -9.74 9.23
C PRO A 51 -14.69 -11.24 9.00
N GLY A 52 -15.70 -11.99 9.44
CA GLY A 52 -15.57 -13.44 9.44
C GLY A 52 -15.05 -13.91 10.78
N SER A 53 -14.32 -15.03 10.80
CA SER A 53 -13.87 -15.59 12.07
CA SER A 53 -13.86 -15.65 12.04
C SER A 53 -12.37 -15.39 12.28
N LEU A 54 -12.00 -15.01 13.50
CA LEU A 54 -10.59 -14.86 13.82
C LEU A 54 -9.87 -16.17 13.50
N TRP A 55 -8.78 -16.08 12.75
CA TRP A 55 -8.16 -17.30 12.21
C TRP A 55 -7.62 -18.19 13.31
N ALA A 56 -8.14 -19.42 13.37
CA ALA A 56 -7.76 -20.40 14.40
C ALA A 56 -7.09 -21.60 13.77
N ASP A 57 -6.03 -22.08 14.40
CA ASP A 57 -5.26 -23.21 13.89
C ASP A 57 -4.88 -24.14 15.05
N ALA A 58 -5.01 -25.44 14.85
CA ALA A 58 -4.78 -26.40 15.92
C ALA A 58 -3.32 -26.52 16.40
N ASP A 59 -2.36 -26.36 15.48
CA ASP A 59 -0.97 -26.72 15.81
C ASP A 59 0.09 -25.63 15.63
N ASN A 60 -0.33 -24.42 15.26
CA ASN A 60 0.60 -23.29 15.09
C ASN A 60 1.51 -23.46 13.87
N GLN A 61 1.14 -24.37 12.96
CA GLN A 61 1.85 -24.54 11.71
CA GLN A 61 1.85 -24.56 11.70
C GLN A 61 0.89 -24.20 10.57
N PHE A 62 1.35 -23.37 9.64
CA PHE A 62 0.49 -22.79 8.63
C PHE A 62 1.01 -23.07 7.22
N PHE A 63 1.11 -24.36 6.89
CA PHE A 63 1.67 -24.78 5.61
C PHE A 63 0.64 -25.27 4.59
N ALA A 64 -0.64 -25.21 4.93
CA ALA A 64 -1.67 -25.64 3.98
C ALA A 64 -1.88 -24.55 2.93
N SER A 65 -2.29 -24.95 1.73
CA SER A 65 -2.55 -23.97 0.68
CA SER A 65 -2.56 -23.97 0.68
C SER A 65 -3.57 -22.93 1.14
N TYR A 66 -4.60 -23.38 1.87
CA TYR A 66 -5.65 -22.48 2.36
C TYR A 66 -5.07 -21.47 3.35
N ASP A 67 -3.98 -21.83 4.02
CA ASP A 67 -3.37 -20.94 5.02
C ASP A 67 -2.58 -19.78 4.39
N ALA A 68 -2.08 -19.98 3.17
CA ALA A 68 -1.09 -19.05 2.61
C ALA A 68 -1.51 -17.58 2.56
N PRO A 69 -2.74 -17.29 2.10
CA PRO A 69 -3.12 -15.87 2.07
C PRO A 69 -3.21 -15.26 3.48
N ALA A 70 -3.56 -16.05 4.48
CA ALA A 70 -3.62 -15.55 5.84
C ALA A 70 -2.22 -15.25 6.39
N VAL A 71 -1.28 -16.17 6.14
CA VAL A 71 0.10 -15.99 6.57
C VAL A 71 0.62 -14.65 6.05
N ASP A 72 0.41 -14.38 4.76
CA ASP A 72 0.95 -13.17 4.16
C ASP A 72 0.23 -11.90 4.59
N ALA A 73 -1.11 -11.95 4.69
CA ALA A 73 -1.82 -10.77 5.18
C ALA A 73 -1.32 -10.38 6.57
N HIS A 74 -1.13 -11.39 7.42
CA HIS A 74 -0.75 -11.19 8.80
C HIS A 74 0.68 -10.64 8.86
N TYR A 75 1.58 -11.32 8.15
CA TYR A 75 3.00 -10.97 8.18
C TYR A 75 3.25 -9.60 7.56
N TYR A 76 2.68 -9.34 6.38
CA TYR A 76 2.91 -8.06 5.70
C TYR A 76 2.24 -6.90 6.43
N ALA A 77 1.13 -7.14 7.12
CA ALA A 77 0.59 -6.11 8.02
C ALA A 77 1.62 -5.75 9.09
N GLY A 78 2.33 -6.75 9.62
CA GLY A 78 3.42 -6.51 10.56
C GLY A 78 4.52 -5.66 9.99
N VAL A 79 4.96 -5.97 8.77
CA VAL A 79 6.03 -5.21 8.14
C VAL A 79 5.59 -3.77 7.94
N THR A 80 4.35 -3.58 7.52
CA THR A 80 3.84 -2.25 7.25
C THR A 80 3.73 -1.45 8.54
N TYR A 81 3.27 -2.08 9.62
CA TYR A 81 3.27 -1.45 10.93
C TYR A 81 4.68 -1.00 11.31
N ASP A 82 5.66 -1.88 11.10
CA ASP A 82 7.04 -1.56 11.44
C ASP A 82 7.57 -0.37 10.63
N TYR A 83 7.22 -0.33 9.35
CA TYR A 83 7.64 0.79 8.51
C TYR A 83 7.12 2.11 9.08
N TYR A 84 5.82 2.18 9.32
CA TYR A 84 5.25 3.43 9.81
C TYR A 84 5.83 3.85 11.17
N LYS A 85 6.03 2.87 12.06
CA LYS A 85 6.56 3.16 13.38
C LYS A 85 8.03 3.57 13.32
N ASN A 86 8.84 2.77 12.66
CA ASN A 86 10.28 2.99 12.65
C ASN A 86 10.70 4.16 11.79
N VAL A 87 10.02 4.35 10.66
CA VAL A 87 10.43 5.37 9.70
C VAL A 87 9.74 6.70 9.96
N HIS A 88 8.47 6.67 10.34
CA HIS A 88 7.69 7.90 10.50
C HIS A 88 7.21 8.19 11.92
N ASN A 89 7.59 7.34 12.87
CA ASN A 89 7.13 7.47 14.24
C ASN A 89 5.61 7.53 14.33
N ARG A 90 4.94 6.74 13.49
CA ARG A 90 3.48 6.67 13.53
C ARG A 90 3.06 5.31 14.05
N LEU A 91 2.21 5.31 15.07
CA LEU A 91 1.76 4.08 15.71
C LEU A 91 0.43 3.62 15.15
N SER A 92 0.49 2.63 14.25
CA SER A 92 -0.67 2.12 13.51
C SER A 92 -1.32 3.20 12.63
N TYR A 93 -2.47 2.88 12.06
CA TYR A 93 -3.04 3.78 11.04
C TYR A 93 -3.65 5.04 11.64
N ASP A 94 -4.07 4.98 12.90
CA ASP A 94 -4.68 6.14 13.56
C ASP A 94 -3.69 6.94 14.39
N GLY A 95 -2.45 6.46 14.48
CA GLY A 95 -1.44 7.13 15.29
C GLY A 95 -1.54 6.81 16.78
N ASN A 96 -2.51 5.96 17.14
CA ASN A 96 -2.70 5.59 18.54
CA ASN A 96 -2.73 5.59 18.54
C ASN A 96 -2.79 4.08 18.72
N ASN A 97 -2.08 3.36 17.85
CA ASN A 97 -1.99 1.91 17.95
C ASN A 97 -3.33 1.18 17.80
N ALA A 98 -4.22 1.69 16.96
CA ALA A 98 -5.45 0.96 16.66
C ALA A 98 -5.14 -0.47 16.21
N ALA A 99 -5.95 -1.41 16.67
CA ALA A 99 -5.88 -2.79 16.20
C ALA A 99 -6.03 -2.83 14.69
N ILE A 100 -5.17 -3.62 14.04
CA ILE A 100 -5.20 -3.78 12.59
C ILE A 100 -5.86 -5.11 12.23
N ARG A 101 -6.96 -5.04 11.49
CA ARG A 101 -7.74 -6.23 11.14
C ARG A 101 -7.75 -6.47 9.63
N SER A 102 -7.55 -7.73 9.23
CA SER A 102 -7.61 -8.12 7.81
C SER A 102 -8.44 -9.38 7.67
N SER A 103 -9.20 -9.49 6.59
CA SER A 103 -9.87 -10.73 6.23
C SER A 103 -9.36 -11.23 4.90
N VAL A 104 -9.12 -12.54 4.82
CA VAL A 104 -8.72 -13.18 3.58
C VAL A 104 -9.76 -14.20 3.13
N HIS A 105 -9.58 -14.74 1.94
CA HIS A 105 -10.59 -15.60 1.32
C HIS A 105 -11.94 -14.89 1.20
N TYR A 106 -11.92 -13.61 0.84
CA TYR A 106 -13.15 -12.86 0.64
C TYR A 106 -13.79 -13.21 -0.69
N SER A 107 -15.05 -13.62 -0.65
CA SER A 107 -15.81 -13.95 -1.85
C SER A 107 -15.17 -15.09 -2.66
N GLN A 108 -15.56 -15.20 -3.93
CA GLN A 108 -15.07 -16.25 -4.82
C GLN A 108 -14.48 -15.62 -6.07
N GLY A 109 -13.27 -16.02 -6.43
CA GLY A 109 -12.60 -15.52 -7.63
C GLY A 109 -12.45 -14.01 -7.62
N TYR A 110 -12.26 -13.45 -6.43
CA TYR A 110 -12.35 -11.99 -6.27
C TYR A 110 -11.02 -11.29 -6.60
N ASN A 111 -11.03 -10.53 -7.69
CA ASN A 111 -9.81 -9.92 -8.23
C ASN A 111 -9.58 -8.52 -7.67
N ASN A 112 -9.56 -8.39 -6.34
CA ASN A 112 -9.31 -7.08 -5.74
C ASN A 112 -9.01 -7.21 -4.26
N ALA A 113 -8.64 -6.08 -3.66
CA ALA A 113 -8.45 -5.95 -2.24
C ALA A 113 -8.87 -4.54 -1.89
N PHE A 114 -9.24 -4.30 -0.64
CA PHE A 114 -9.71 -2.97 -0.26
C PHE A 114 -9.71 -2.74 1.24
N TRP A 115 -9.81 -1.47 1.61
CA TRP A 115 -10.06 -1.05 2.97
C TRP A 115 -11.52 -0.64 3.02
N ASN A 116 -12.30 -1.26 3.91
CA ASN A 116 -13.74 -1.04 3.90
C ASN A 116 -14.23 0.04 4.85
N GLY A 117 -13.29 0.85 5.35
CA GLY A 117 -13.60 1.86 6.35
C GLY A 117 -13.15 1.44 7.74
N SER A 118 -12.94 0.14 7.94
CA SER A 118 -12.66 -0.42 9.26
C SER A 118 -11.58 -1.50 9.25
N GLN A 119 -11.32 -2.09 8.08
CA GLN A 119 -10.43 -3.25 8.01
C GLN A 119 -9.97 -3.48 6.57
N MET A 120 -8.91 -4.26 6.42
CA MET A 120 -8.44 -4.67 5.09
C MET A 120 -9.13 -5.95 4.68
N VAL A 121 -9.34 -6.10 3.37
CA VAL A 121 -10.07 -7.24 2.81
C VAL A 121 -9.34 -7.71 1.55
N TYR A 122 -9.08 -9.01 1.45
CA TYR A 122 -8.34 -9.56 0.31
C TYR A 122 -9.09 -10.69 -0.40
N GLY A 123 -9.28 -10.54 -1.70
CA GLY A 123 -9.76 -11.63 -2.52
C GLY A 123 -8.67 -12.67 -2.75
N ASP A 124 -9.08 -13.83 -3.25
CA ASP A 124 -8.13 -14.87 -3.65
C ASP A 124 -7.71 -14.74 -5.12
N GLY A 125 -8.39 -13.86 -5.86
CA GLY A 125 -8.21 -13.81 -7.31
C GLY A 125 -8.89 -15.00 -7.98
N ASP A 126 -9.00 -14.94 -9.31
CA ASP A 126 -9.59 -16.05 -10.06
C ASP A 126 -8.54 -17.03 -10.57
N GLY A 127 -7.29 -16.83 -10.19
CA GLY A 127 -6.21 -17.70 -10.59
C GLY A 127 -5.61 -17.36 -11.95
N GLN A 128 -6.24 -16.45 -12.67
CA GLN A 128 -5.77 -16.01 -13.98
C GLN A 128 -5.34 -14.55 -13.98
N THR A 129 -6.24 -13.67 -13.52
CA THR A 129 -5.92 -12.26 -13.39
C THR A 129 -5.07 -12.03 -12.13
N PHE A 130 -5.44 -12.67 -11.02
CA PHE A 130 -4.69 -12.58 -9.77
C PHE A 130 -4.59 -13.93 -9.08
N ILE A 131 -3.52 -14.10 -8.30
CA ILE A 131 -3.50 -15.10 -7.22
C ILE A 131 -3.81 -14.32 -5.93
N PRO A 132 -3.93 -15.01 -4.78
CA PRO A 132 -4.41 -14.30 -3.59
C PRO A 132 -3.63 -13.01 -3.30
N LEU A 133 -4.36 -11.90 -3.16
CA LEU A 133 -3.73 -10.58 -3.31
C LEU A 133 -2.84 -10.18 -2.13
N SER A 134 -3.05 -10.81 -0.98
CA SER A 134 -2.17 -10.54 0.16
C SER A 134 -0.75 -11.05 -0.07
N GLY A 135 -0.52 -11.79 -1.15
CA GLY A 135 0.82 -12.23 -1.49
C GLY A 135 1.75 -11.09 -1.92
N GLY A 136 1.19 -9.91 -2.17
CA GLY A 136 1.99 -8.76 -2.56
C GLY A 136 2.18 -7.81 -1.40
N ILE A 137 3.44 -7.60 -0.99
CA ILE A 137 3.69 -6.68 0.11
C ILE A 137 3.27 -5.26 -0.27
N ASP A 138 3.48 -4.87 -1.53
CA ASP A 138 3.01 -3.55 -1.96
C ASP A 138 1.49 -3.42 -1.89
N VAL A 139 0.78 -4.52 -2.17
CA VAL A 139 -0.68 -4.54 -2.06
C VAL A 139 -1.13 -4.37 -0.61
N VAL A 140 -0.56 -5.15 0.31
CA VAL A 140 -0.93 -5.04 1.72
C VAL A 140 -0.66 -3.61 2.22
N ALA A 141 0.52 -3.08 1.91
CA ALA A 141 0.85 -1.74 2.35
C ALA A 141 -0.01 -0.68 1.66
N HIS A 142 -0.38 -0.90 0.40
CA HIS A 142 -1.32 -0.02 -0.30
C HIS A 142 -2.63 0.04 0.47
N GLU A 143 -3.14 -1.12 0.89
CA GLU A 143 -4.42 -1.15 1.60
C GLU A 143 -4.33 -0.47 2.97
N LEU A 144 -3.29 -0.79 3.74
CA LEU A 144 -3.16 -0.19 5.08
C LEU A 144 -2.97 1.32 4.96
N THR A 145 -2.31 1.74 3.88
CA THR A 145 -2.11 3.17 3.67
C THR A 145 -3.43 3.90 3.41
N HIS A 146 -4.41 3.23 2.81
CA HIS A 146 -5.73 3.84 2.69
C HIS A 146 -6.26 4.22 4.08
N ALA A 147 -6.05 3.36 5.07
CA ALA A 147 -6.47 3.66 6.43
C ALA A 147 -5.73 4.88 6.98
N VAL A 148 -4.43 4.94 6.75
CA VAL A 148 -3.64 6.10 7.18
C VAL A 148 -4.19 7.39 6.55
N THR A 149 -4.41 7.36 5.24
CA THR A 149 -4.99 8.51 4.56
C THR A 149 -6.34 8.91 5.14
N ASP A 150 -7.23 7.94 5.34
CA ASP A 150 -8.55 8.24 5.87
C ASP A 150 -8.48 8.90 7.26
N TYR A 151 -7.49 8.53 8.06
CA TYR A 151 -7.32 9.09 9.40
C TYR A 151 -6.59 10.42 9.41
N THR A 152 -5.99 10.80 8.29
CA THR A 152 -5.16 12.00 8.25
C THR A 152 -5.74 13.00 7.23
N ALA A 153 -5.20 13.03 6.02
CA ALA A 153 -5.70 13.98 5.01
C ALA A 153 -7.19 13.80 4.72
N GLY A 154 -7.66 12.55 4.67
CA GLY A 154 -9.07 12.30 4.39
C GLY A 154 -9.49 12.51 2.94
N LEU A 155 -8.52 12.44 2.03
CA LEU A 155 -8.76 12.65 0.60
C LEU A 155 -10.00 11.92 0.11
N ILE A 156 -10.97 12.68 -0.38
CA ILE A 156 -12.22 12.12 -0.92
C ILE A 156 -11.90 11.22 -2.12
N TYR A 157 -12.56 10.06 -2.20
CA TYR A 157 -12.18 9.03 -3.18
C TYR A 157 -12.82 9.24 -4.55
N GLN A 158 -12.59 10.40 -5.14
CA GLN A 158 -13.03 10.67 -6.50
C GLN A 158 -12.22 11.81 -7.10
N ASN A 159 -12.15 11.81 -8.43
CA ASN A 159 -11.49 12.90 -9.16
C ASN A 159 -10.06 13.14 -8.66
N GLU A 160 -9.60 14.38 -8.61
CA GLU A 160 -8.19 14.61 -8.29
C GLU A 160 -7.80 14.21 -6.87
N SER A 161 -8.63 14.54 -5.89
CA SER A 161 -8.32 14.14 -4.51
CA SER A 161 -8.37 14.13 -4.51
C SER A 161 -8.24 12.61 -4.43
N GLY A 162 -9.09 11.91 -5.18
CA GLY A 162 -9.08 10.46 -5.19
C GLY A 162 -7.86 9.88 -5.87
N ALA A 163 -7.38 10.54 -6.93
CA ALA A 163 -6.15 10.12 -7.59
C ALA A 163 -4.93 10.33 -6.68
N ILE A 164 -4.95 11.40 -5.88
CA ILE A 164 -3.91 11.60 -4.88
C ILE A 164 -3.97 10.49 -3.82
N ASN A 165 -5.19 10.21 -3.34
CA ASN A 165 -5.42 9.12 -2.40
C ASN A 165 -4.78 7.82 -2.91
N GLU A 166 -5.08 7.47 -4.17
CA GLU A 166 -4.51 6.27 -4.80
C GLU A 166 -2.98 6.34 -4.89
N ALA A 167 -2.45 7.47 -5.35
CA ALA A 167 -1.01 7.60 -5.51
C ALA A 167 -0.31 7.45 -4.15
N ILE A 168 -0.88 8.03 -3.10
CA ILE A 168 -0.30 7.90 -1.75
C ILE A 168 -0.19 6.42 -1.36
N SER A 169 -1.23 5.64 -1.64
CA SER A 169 -1.18 4.21 -1.38
C SER A 169 -0.16 3.47 -2.24
N ASP A 170 -0.01 3.86 -3.51
CA ASP A 170 1.03 3.26 -4.36
C ASP A 170 2.44 3.66 -3.90
N ILE A 171 2.62 4.92 -3.54
CA ILE A 171 3.91 5.43 -3.08
C ILE A 171 4.36 4.70 -1.82
N PHE A 172 3.50 4.69 -0.78
CA PHE A 172 3.89 4.01 0.46
C PHE A 172 3.90 2.50 0.32
N GLY A 173 3.04 1.95 -0.54
CA GLY A 173 3.11 0.52 -0.84
C GLY A 173 4.51 0.17 -1.35
N THR A 174 5.01 0.99 -2.26
CA THR A 174 6.32 0.79 -2.83
C THR A 174 7.45 1.06 -1.82
N LEU A 175 7.31 2.11 -1.01
CA LEU A 175 8.34 2.38 -0.01
C LEU A 175 8.41 1.24 1.02
N VAL A 176 7.27 0.65 1.37
CA VAL A 176 7.27 -0.51 2.26
C VAL A 176 7.95 -1.71 1.57
N GLU A 177 7.68 -1.90 0.28
CA GLU A 177 8.32 -2.98 -0.46
C GLU A 177 9.84 -2.81 -0.44
N PHE A 178 10.33 -1.59 -0.64
CA PHE A 178 11.77 -1.33 -0.53
C PHE A 178 12.29 -1.53 0.89
N TYR A 179 11.47 -1.18 1.88
CA TYR A 179 11.84 -1.34 3.28
C TYR A 179 12.09 -2.82 3.61
N ALA A 180 11.20 -3.71 3.14
CA ALA A 180 11.38 -5.13 3.36
C ALA A 180 12.54 -5.68 2.50
N ASN A 181 12.81 -5.02 1.37
CA ASN A 181 13.99 -5.29 0.56
C ASN A 181 14.05 -6.67 -0.10
N LYS A 182 12.88 -7.18 -0.49
CA LYS A 182 12.79 -8.41 -1.27
C LYS A 182 12.23 -8.09 -2.66
N ASN A 183 13.08 -8.21 -3.68
CA ASN A 183 12.70 -7.89 -5.05
C ASN A 183 11.96 -6.57 -5.20
N PRO A 184 12.51 -5.49 -4.62
CA PRO A 184 11.76 -4.23 -4.68
C PRO A 184 11.80 -3.60 -6.07
N ASP A 185 10.76 -2.85 -6.39
CA ASP A 185 10.65 -2.18 -7.66
C ASP A 185 9.65 -1.04 -7.54
N TRP A 186 9.45 -0.29 -8.62
CA TRP A 186 8.47 0.79 -8.66
C TRP A 186 7.22 0.38 -9.45
N GLU A 187 6.94 -0.92 -9.48
CA GLU A 187 5.72 -1.45 -10.09
C GLU A 187 4.74 -1.83 -8.98
N ILE A 188 3.46 -1.91 -9.31
CA ILE A 188 2.44 -2.24 -8.33
C ILE A 188 1.80 -3.60 -8.63
N GLY A 189 1.87 -4.52 -7.66
CA GLY A 189 1.13 -5.76 -7.71
C GLY A 189 1.76 -6.87 -8.51
N GLU A 190 3.00 -6.69 -8.94
CA GLU A 190 3.68 -7.65 -9.81
C GLU A 190 3.76 -9.06 -9.21
N ASP A 191 3.76 -9.19 -7.89
CA ASP A 191 3.92 -10.50 -7.28
C ASP A 191 2.65 -11.34 -7.34
N VAL A 192 1.50 -10.69 -7.54
CA VAL A 192 0.23 -11.42 -7.51
C VAL A 192 -0.59 -11.31 -8.80
N TYR A 193 -0.15 -10.46 -9.73
CA TYR A 193 -0.87 -10.22 -10.97
C TYR A 193 -0.46 -11.21 -12.06
N THR A 194 -1.47 -11.75 -12.76
CA THR A 194 -1.27 -12.62 -13.92
C THR A 194 -0.15 -13.65 -13.77
N PRO A 195 -0.42 -14.72 -13.02
CA PRO A 195 0.62 -15.74 -12.82
C PRO A 195 1.13 -16.36 -14.14
N GLY A 196 0.34 -16.27 -15.20
CA GLY A 196 0.74 -16.85 -16.48
C GLY A 196 1.58 -15.94 -17.35
N ILE A 197 1.76 -14.70 -16.92
CA ILE A 197 2.53 -13.71 -17.68
C ILE A 197 3.63 -13.12 -16.81
N SER A 198 4.88 -13.31 -17.23
CA SER A 198 6.01 -12.80 -16.46
CA SER A 198 6.01 -12.79 -16.46
C SER A 198 6.33 -11.35 -16.87
N GLY A 199 6.78 -10.56 -15.90
CA GLY A 199 7.30 -9.23 -16.20
C GLY A 199 6.30 -8.09 -16.29
N ASP A 200 5.03 -8.37 -16.03
CA ASP A 200 4.01 -7.33 -16.06
C ASP A 200 3.58 -6.92 -14.65
N SER A 201 2.65 -5.99 -14.57
CA SER A 201 2.16 -5.52 -13.29
CA SER A 201 2.22 -5.41 -13.30
C SER A 201 0.87 -4.77 -13.52
N LEU A 202 0.22 -4.37 -12.42
CA LEU A 202 -1.05 -3.64 -12.51
CA LEU A 202 -1.05 -3.67 -12.52
C LEU A 202 -0.84 -2.21 -12.95
N ARG A 203 0.17 -1.57 -12.37
CA ARG A 203 0.55 -0.20 -12.67
C ARG A 203 2.07 -0.07 -12.56
N SER A 204 2.60 0.94 -13.22
CA SER A 204 4.01 1.27 -13.08
C SER A 204 4.11 2.72 -12.64
N MET A 205 4.92 2.97 -11.60
CA MET A 205 5.18 4.35 -11.17
C MET A 205 6.26 5.00 -12.04
N SER A 206 7.22 4.20 -12.48
CA SER A 206 8.33 4.71 -13.27
C SER A 206 7.90 5.05 -14.70
N ASP A 207 6.96 4.27 -15.23
CA ASP A 207 6.41 4.53 -16.56
C ASP A 207 4.93 4.17 -16.60
N PRO A 208 4.08 5.04 -16.05
CA PRO A 208 2.65 4.69 -15.98
C PRO A 208 2.05 4.35 -17.34
N ALA A 209 2.57 4.95 -18.40
CA ALA A 209 2.03 4.75 -19.73
C ALA A 209 2.19 3.31 -20.22
N LYS A 210 3.12 2.58 -19.62
CA LYS A 210 3.36 1.18 -20.00
CA LYS A 210 3.36 1.18 -19.98
C LYS A 210 2.09 0.35 -19.82
N TYR A 211 1.29 0.68 -18.80
CA TYR A 211 0.04 -0.02 -18.54
C TYR A 211 -1.16 0.88 -18.79
N GLY A 212 -0.98 1.87 -19.67
CA GLY A 212 -2.07 2.70 -20.16
C GLY A 212 -2.48 3.91 -19.33
N ASP A 213 -1.69 4.27 -18.34
CA ASP A 213 -2.04 5.38 -17.45
C ASP A 213 -1.28 6.65 -17.80
N PRO A 214 -1.89 7.82 -17.53
CA PRO A 214 -1.24 9.09 -17.89
C PRO A 214 0.01 9.38 -17.05
N ASP A 215 0.96 10.05 -17.68
CA ASP A 215 2.20 10.45 -17.02
C ASP A 215 2.40 11.95 -17.15
N HIS A 216 1.33 12.64 -17.52
CA HIS A 216 1.34 14.09 -17.66
C HIS A 216 -0.08 14.61 -17.48
N TYR A 217 -0.23 15.75 -16.83
CA TYR A 217 -1.54 16.31 -16.53
C TYR A 217 -2.37 16.52 -17.80
N SER A 218 -1.70 16.78 -18.93
CA SER A 218 -2.41 17.01 -20.19
C SER A 218 -3.13 15.76 -20.69
N LYS A 219 -2.78 14.61 -20.10
CA LYS A 219 -3.35 13.33 -20.52
C LYS A 219 -4.32 12.78 -19.47
N ARG A 220 -4.70 13.62 -18.52
CA ARG A 220 -5.61 13.18 -17.45
C ARG A 220 -6.96 12.72 -18.00
N TYR A 221 -7.52 11.70 -17.36
CA TYR A 221 -8.85 11.21 -17.67
C TYR A 221 -9.88 12.07 -16.95
N THR A 222 -10.94 12.45 -17.66
CA THR A 222 -11.93 13.35 -17.07
C THR A 222 -13.35 12.77 -17.13
N GLY A 223 -13.43 11.47 -17.43
CA GLY A 223 -14.72 10.79 -17.46
C GLY A 223 -15.16 10.32 -16.09
N THR A 224 -16.16 9.46 -16.06
CA THR A 224 -16.79 9.05 -14.80
C THR A 224 -16.40 7.66 -14.32
N GLN A 225 -15.80 6.86 -15.18
CA GLN A 225 -15.34 5.50 -14.81
CA GLN A 225 -15.42 5.51 -14.75
C GLN A 225 -14.37 5.58 -13.65
N ASP A 226 -14.30 4.53 -12.83
CA ASP A 226 -13.27 4.41 -11.82
C ASP A 226 -13.28 5.63 -10.87
N ASN A 227 -14.47 6.05 -10.46
CA ASN A 227 -14.59 7.22 -9.59
C ASN A 227 -13.90 8.46 -10.14
N GLY A 228 -14.00 8.65 -11.45
CA GLY A 228 -13.35 9.78 -12.09
C GLY A 228 -11.87 9.53 -12.28
N GLY A 229 -11.52 8.26 -12.50
CA GLY A 229 -10.16 7.85 -12.82
C GLY A 229 -9.14 7.82 -11.68
N VAL A 230 -9.57 7.46 -10.48
CA VAL A 230 -8.63 7.50 -9.35
C VAL A 230 -7.42 6.56 -9.50
N HIS A 231 -7.61 5.41 -10.15
CA HIS A 231 -6.49 4.48 -10.39
C HIS A 231 -5.77 4.76 -11.70
N ILE A 232 -6.28 5.73 -12.46
CA ILE A 232 -5.74 6.10 -13.76
C ILE A 232 -4.88 7.35 -13.60
N ASN A 233 -5.51 8.44 -13.15
CA ASN A 233 -4.82 9.69 -12.93
C ASN A 233 -3.79 9.64 -11.79
N SER A 234 -3.84 8.60 -10.95
CA SER A 234 -2.77 8.38 -9.98
C SER A 234 -1.41 8.29 -10.68
N GLY A 235 -1.40 7.90 -11.96
CA GLY A 235 -0.14 7.77 -12.69
C GLY A 235 0.63 9.08 -12.76
N ILE A 236 -0.09 10.19 -12.81
CA ILE A 236 0.54 11.50 -12.91
C ILE A 236 1.33 11.81 -11.64
N ILE A 237 0.73 11.50 -10.50
CA ILE A 237 1.39 11.72 -9.21
C ILE A 237 2.44 10.65 -8.93
N ASN A 238 2.16 9.39 -9.28
CA ASN A 238 3.15 8.33 -9.15
C ASN A 238 4.43 8.66 -9.92
N LYS A 239 4.27 9.19 -11.13
CA LYS A 239 5.42 9.59 -11.93
C LYS A 239 6.20 10.71 -11.25
N ALA A 240 5.49 11.69 -10.70
CA ALA A 240 6.17 12.77 -10.00
C ALA A 240 6.98 12.24 -8.81
N ALA A 241 6.37 11.32 -8.06
CA ALA A 241 7.06 10.74 -6.90
C ALA A 241 8.30 9.95 -7.32
N TYR A 242 8.14 9.11 -8.35
CA TYR A 242 9.27 8.38 -8.92
C TYR A 242 10.41 9.32 -9.32
N LEU A 243 10.08 10.41 -9.99
CA LEU A 243 11.09 11.38 -10.43
C LEU A 243 11.78 12.04 -9.24
N ILE A 244 11.01 12.43 -8.23
CA ILE A 244 11.60 13.03 -7.04
C ILE A 244 12.65 12.11 -6.43
N SER A 245 12.32 10.82 -6.33
CA SER A 245 13.22 9.86 -5.72
C SER A 245 14.40 9.50 -6.62
N GLN A 246 14.11 9.13 -7.86
CA GLN A 246 15.10 8.51 -8.74
C GLN A 246 15.67 9.43 -9.81
N GLY A 247 15.01 10.56 -10.06
CA GLY A 247 15.45 11.48 -11.08
C GLY A 247 15.06 11.01 -12.48
N GLY A 248 15.34 11.85 -13.46
CA GLY A 248 15.11 11.49 -14.86
C GLY A 248 14.76 12.72 -15.67
N THR A 249 14.69 12.57 -16.99
CA THR A 249 14.22 13.63 -17.86
C THR A 249 12.95 13.16 -18.54
N HIS A 250 11.88 13.92 -18.35
CA HIS A 250 10.54 13.52 -18.74
C HIS A 250 9.94 14.68 -19.52
N TYR A 251 9.58 14.41 -20.78
CA TYR A 251 9.16 15.46 -21.72
C TYR A 251 10.11 16.64 -21.70
N GLY A 252 11.41 16.35 -21.67
CA GLY A 252 12.43 17.37 -21.75
C GLY A 252 12.75 18.07 -20.44
N VAL A 253 12.04 17.74 -19.37
CA VAL A 253 12.28 18.37 -18.07
C VAL A 253 13.10 17.44 -17.19
N SER A 254 14.28 17.89 -16.78
CA SER A 254 15.19 17.06 -15.98
C SER A 254 14.97 17.24 -14.49
N VAL A 255 14.96 16.14 -13.77
CA VAL A 255 14.76 16.15 -12.32
C VAL A 255 15.95 15.48 -11.64
N VAL A 256 16.51 16.17 -10.64
CA VAL A 256 17.56 15.58 -9.83
C VAL A 256 16.97 14.74 -8.69
N GLY A 257 17.27 13.44 -8.69
CA GLY A 257 16.70 12.55 -7.69
C GLY A 257 17.30 12.78 -6.31
N ILE A 258 16.48 12.61 -5.28
CA ILE A 258 16.93 12.82 -3.90
C ILE A 258 16.82 11.56 -3.03
N GLY A 259 16.33 10.47 -3.62
CA GLY A 259 16.28 9.20 -2.92
C GLY A 259 14.95 8.90 -2.24
N ARG A 260 14.74 7.63 -1.92
CA ARG A 260 13.46 7.16 -1.39
C ARG A 260 13.15 7.68 0.01
N ASP A 261 14.17 7.77 0.86
CA ASP A 261 13.92 8.18 2.23
CA ASP A 261 13.97 8.20 2.24
C ASP A 261 13.38 9.60 2.27
N LYS A 262 13.97 10.50 1.49
CA LYS A 262 13.49 11.87 1.45
C LYS A 262 12.12 11.99 0.77
N LEU A 263 11.89 11.22 -0.29
CA LEU A 263 10.56 11.16 -0.89
C LEU A 263 9.54 10.80 0.18
N GLY A 264 9.84 9.76 0.96
CA GLY A 264 8.92 9.31 1.99
C GLY A 264 8.67 10.36 3.06
N LYS A 265 9.73 11.06 3.47
CA LYS A 265 9.58 12.10 4.48
C LYS A 265 8.72 13.25 3.96
N ILE A 266 8.97 13.64 2.72
CA ILE A 266 8.24 14.76 2.13
C ILE A 266 6.76 14.42 1.97
N PHE A 267 6.47 13.25 1.41
CA PHE A 267 5.07 12.89 1.21
C PHE A 267 4.34 12.54 2.51
N TYR A 268 5.05 11.96 3.48
CA TYR A 268 4.42 11.68 4.76
C TYR A 268 4.01 12.99 5.43
N ARG A 269 4.90 13.98 5.39
CA ARG A 269 4.60 15.29 5.97
C ARG A 269 3.45 15.96 5.23
N ALA A 270 3.45 15.87 3.91
CA ALA A 270 2.37 16.46 3.12
C ALA A 270 1.03 15.81 3.50
N LEU A 271 1.03 14.49 3.59
CA LEU A 271 -0.18 13.74 3.90
C LEU A 271 -0.77 14.09 5.26
N THR A 272 0.12 14.29 6.23
CA THR A 272 -0.31 14.43 7.62
C THR A 272 -0.40 15.87 8.12
N GLN A 273 0.19 16.83 7.41
CA GLN A 273 0.15 18.21 7.89
CA GLN A 273 0.20 18.22 7.88
C GLN A 273 -0.43 19.22 6.91
N TYR A 274 -0.55 18.86 5.64
CA TYR A 274 -0.98 19.84 4.63
C TYR A 274 -2.18 19.47 3.76
N LEU A 275 -2.26 18.22 3.34
CA LEU A 275 -3.37 17.80 2.48
C LEU A 275 -4.70 17.79 3.23
N THR A 276 -5.79 18.05 2.50
CA THR A 276 -7.13 18.05 3.08
C THR A 276 -8.03 17.14 2.23
N PRO A 277 -9.29 16.95 2.66
CA PRO A 277 -10.12 16.01 1.91
C PRO A 277 -10.34 16.42 0.46
N THR A 278 -10.27 17.72 0.16
CA THR A 278 -10.56 18.18 -1.21
C THR A 278 -9.33 18.62 -2.02
N SER A 279 -8.12 18.32 -1.53
CA SER A 279 -6.90 18.73 -2.23
C SER A 279 -6.90 18.27 -3.68
N ASN A 280 -6.53 19.17 -4.59
CA ASN A 280 -6.32 18.80 -5.97
C ASN A 280 -4.82 18.69 -6.29
N PHE A 281 -4.46 18.38 -7.53
CA PHE A 281 -3.06 18.16 -7.87
C PHE A 281 -2.19 19.40 -7.60
N SER A 282 -2.71 20.57 -7.95
CA SER A 282 -1.96 21.82 -7.74
C SER A 282 -1.71 22.03 -6.25
N GLN A 283 -2.71 21.67 -5.43
CA GLN A 283 -2.58 21.79 -3.99
C GLN A 283 -1.60 20.77 -3.41
N LEU A 284 -1.55 19.58 -4.01
CA LEU A 284 -0.52 18.62 -3.62
C LEU A 284 0.88 19.16 -3.91
N ARG A 285 1.07 19.77 -5.08
CA ARG A 285 2.37 20.37 -5.39
C ARG A 285 2.75 21.34 -4.30
N ALA A 286 1.83 22.23 -3.94
CA ALA A 286 2.11 23.23 -2.89
C ALA A 286 2.41 22.57 -1.54
N ALA A 287 1.66 21.53 -1.21
CA ALA A 287 1.88 20.79 0.04
C ALA A 287 3.25 20.12 0.06
N ALA A 288 3.64 19.53 -1.06
CA ALA A 288 4.95 18.87 -1.15
C ALA A 288 6.10 19.88 -1.10
N VAL A 289 5.94 21.01 -1.79
CA VAL A 289 6.95 22.06 -1.74
C VAL A 289 7.13 22.57 -0.32
N GLN A 290 6.02 22.82 0.38
CA GLN A 290 6.10 23.32 1.75
C GLN A 290 6.72 22.28 2.66
N SER A 291 6.35 21.02 2.46
CA SER A 291 6.89 19.95 3.29
C SER A 291 8.41 19.86 3.13
N ALA A 292 8.88 19.87 1.90
CA ALA A 292 10.31 19.88 1.62
C ALA A 292 11.00 21.11 2.22
N THR A 293 10.33 22.25 2.18
CA THR A 293 10.87 23.48 2.74
C THR A 293 11.04 23.33 4.26
N ASP A 294 10.02 22.77 4.91
CA ASP A 294 10.07 22.54 6.37
C ASP A 294 11.26 21.66 6.74
N LEU A 295 11.45 20.59 5.96
CA LEU A 295 12.43 19.57 6.31
C LEU A 295 13.85 19.93 5.91
N TYR A 296 14.02 20.62 4.79
CA TYR A 296 15.34 20.78 4.19
C TYR A 296 15.76 22.23 3.89
N GLY A 297 14.81 23.14 3.97
CA GLY A 297 15.10 24.55 3.73
C GLY A 297 14.68 25.02 2.36
N SER A 298 14.29 26.28 2.26
CA SER A 298 13.76 26.83 1.02
C SER A 298 14.74 26.80 -0.15
N THR A 299 16.04 26.87 0.14
CA THR A 299 17.05 26.90 -0.92
C THR A 299 17.64 25.53 -1.21
N SER A 300 17.04 24.50 -0.64
CA SER A 300 17.58 23.14 -0.74
C SER A 300 17.40 22.50 -2.10
N GLN A 301 18.25 21.53 -2.41
CA GLN A 301 18.07 20.69 -3.60
C GLN A 301 16.72 19.97 -3.54
N GLU A 302 16.33 19.56 -2.33
CA GLU A 302 15.11 18.80 -2.13
C GLU A 302 13.89 19.58 -2.63
N VAL A 303 13.81 20.84 -2.24
CA VAL A 303 12.74 21.72 -2.73
C VAL A 303 12.81 21.92 -4.25
N ALA A 304 14.00 22.16 -4.77
CA ALA A 304 14.16 22.34 -6.22
C ALA A 304 13.69 21.11 -6.99
N SER A 305 14.01 19.93 -6.47
CA SER A 305 13.63 18.67 -7.12
C SER A 305 12.14 18.40 -7.10
N VAL A 306 11.48 18.74 -5.99
CA VAL A 306 10.03 18.62 -5.93
C VAL A 306 9.40 19.49 -7.03
N LYS A 307 9.87 20.74 -7.16
CA LYS A 307 9.35 21.62 -8.21
C LYS A 307 9.58 21.06 -9.61
N GLN A 308 10.80 20.59 -9.86
CA GLN A 308 11.15 20.00 -11.15
C GLN A 308 10.22 18.84 -11.50
N ALA A 309 9.96 17.96 -10.52
CA ALA A 309 9.14 16.78 -10.74
C ALA A 309 7.70 17.15 -11.10
N PHE A 310 7.11 18.08 -10.36
CA PHE A 310 5.76 18.50 -10.69
C PHE A 310 5.73 19.26 -12.03
N ASP A 311 6.75 20.05 -12.33
CA ASP A 311 6.88 20.67 -13.64
C ASP A 311 6.85 19.61 -14.74
N ALA A 312 7.63 18.55 -14.53
CA ALA A 312 7.77 17.49 -15.52
C ALA A 312 6.45 16.81 -15.86
N VAL A 313 5.57 16.68 -14.86
CA VAL A 313 4.26 16.05 -15.09
C VAL A 313 3.16 17.06 -15.37
N GLY A 314 3.55 18.33 -15.56
CA GLY A 314 2.59 19.34 -15.97
C GLY A 314 1.67 19.85 -14.88
N VAL A 315 2.07 19.71 -13.62
CA VAL A 315 1.26 20.20 -12.51
C VAL A 315 1.87 21.46 -11.93
N LYS A 316 1.16 22.58 -12.06
CA LYS A 316 1.65 23.85 -11.54
C LYS A 316 0.95 24.24 -10.25
C3 UBS B . -14.57 0.14 -0.95
C2 UBS B . -14.99 0.10 0.37
C1 UBS B . -15.27 1.29 1.03
C6 UBS B . -15.14 2.51 0.39
C5 UBS B . -14.73 2.54 -0.95
C4 UBS B . -14.44 1.36 -1.61
C7 UBS B . -13.98 1.38 -3.05
O8 UBS B . -12.56 1.51 -3.07
O8 UBS B . -12.56 1.42 -3.09
C9 UBS B . -11.80 0.61 -3.91
C9 UBS B . -11.86 0.23 -3.51
O21 UBS B . -12.28 0.33 -4.98
O21 UBS B . -12.47 -0.84 -3.51
N10 UBS B . -10.63 0.13 -3.52
N10 UBS B . -10.59 0.34 -3.84
C11 UBS B . -9.78 -0.78 -4.28
P12 UBS B . -8.05 -0.56 -3.83
O22 UBS B . -7.92 -0.51 -2.36
O23 UBS B . -7.46 0.63 -4.56
N13 UBS B . -7.35 -1.94 -4.46
C14 UBS B . -6.14 -1.88 -5.29
C15 UBS B . -6.39 -1.52 -6.72
O24 UBS B . -5.59 -0.81 -7.33
C20 UBS B . -5.54 -3.29 -5.21
C21 UBS B . -4.20 -3.40 -5.92
C22 UBS B . -3.09 -2.65 -5.19
C23 UBS B . -3.82 -4.87 -6.10
N16 UBS B . -7.50 -1.96 -7.28
N16 UBS B . -7.49 -2.06 -7.27
C17 UBS B . -7.79 -1.59 -8.66
C17 UBS B . -7.91 -1.89 -8.66
C18 UBS B . -9.20 -1.11 -8.79
C18 UBS B . -9.22 -1.17 -8.81
O19 UBS B . -9.48 -0.52 -9.84
C25 UBS B . -7.52 -2.77 -9.61
C25 UBS B . -8.17 -3.30 -9.18
C26 UBS B . -8.37 -3.99 -9.27
C26 UBS B . -7.07 -4.28 -8.80
C31 UBS B . -6.05 -3.13 -9.68
C31 UBS B . -8.40 -3.28 -10.69
O32 UBS B . -10.04 -1.27 -7.86
S DMS C . -15.31 -2.66 -4.26
O DMS C . -16.77 -3.30 -5.08
C1 DMS C . -15.25 -3.22 -2.56
C2 DMS C . -13.85 -3.30 -5.08
S DMS D . 3.21 17.26 -23.49
O DMS D . 4.35 17.44 -22.09
C1 DMS D . 2.15 15.83 -23.21
C2 DMS D . 2.21 18.74 -23.63
S DMS E . 1.49 10.44 18.95
O DMS E . 0.28 11.64 19.48
C1 DMS E . 3.12 11.03 19.46
C2 DMS E . 1.17 8.90 19.81
S DMS F . -0.06 -26.70 25.21
O DMS F . 0.40 -27.87 26.50
C1 DMS F . 0.07 -25.02 25.83
C2 DMS F . 1.03 -26.89 23.79
S DMS G . -3.27 -11.45 24.77
O DMS G . -4.14 -11.77 26.31
C1 DMS G . -3.91 -9.92 24.08
C2 DMS G . -1.52 -11.26 25.14
C1 GOL H . -11.40 3.89 -0.63
O1 GOL H . -10.50 4.87 -0.28
C2 GOL H . -11.11 2.52 -0.12
O2 GOL H . -10.99 2.49 1.25
C3 GOL H . -9.94 1.89 -0.81
O3 GOL H . -9.67 0.57 -0.50
C1 GOL I . -13.93 -6.47 -7.93
O1 GOL I . -13.24 -5.29 -8.12
C2 GOL I . -13.48 -7.61 -8.78
O2 GOL I . -13.45 -7.32 -10.14
C3 GOL I . -14.13 -8.93 -8.52
O3 GOL I . -13.49 -10.02 -9.08
C1 GOL J . -4.32 20.63 6.88
O1 GOL J . -5.29 21.48 7.36
C2 GOL J . -4.26 19.29 7.52
O2 GOL J . -3.89 19.39 8.85
C3 GOL J . -5.49 18.47 7.32
O3 GOL J . -5.49 17.20 7.89
ZN ZN K . -6.24 1.85 -3.58
CA CA L . 6.05 -3.69 -6.43
CA CA M . 8.66 -6.45 -6.28
CA CA N . 2.22 -11.51 -14.07
CA CA O . -2.00 -25.97 11.19
#